data_6VNA
#
_entry.id   6VNA
#
_cell.length_a   72.843
_cell.length_b   117.044
_cell.length_c   59.382
_cell.angle_alpha   90.000
_cell.angle_beta   99.376
_cell.angle_gamma   90.000
#
_symmetry.space_group_name_H-M   'C 1 2 1'
#
loop_
_entity.id
_entity.type
_entity.pdbx_description
1 polymer "Pyridoxamine 5'-phosphate oxidase-related, FMN-binding protein"
2 water water
#
_entity_poly.entity_id   1
_entity_poly.type   'polypeptide(L)'
_entity_poly.pdbx_seq_one_letter_code
;MKIDPIRETTDEARALARQLLEAARHASLGTLDPETGVPLVTRIALQTDADGVPLALLAGLAAHARALAVDPRAGLLIAA
EAAKGDAMTHARLSILGRAVPAEPDENRRARWLERDPKAKVYLDLPDFRFWRIEPVSGLLNAGFGQAFKLTASDMLKPPA
E
;
_entity_poly.pdbx_strand_id   A,B,C
#
# COMPACT_ATOMS: atom_id res chain seq x y z
N ARG A 7 8.56 16.48 25.58
CA ARG A 7 8.70 15.05 25.23
C ARG A 7 7.66 14.24 26.00
N GLU A 8 7.63 14.40 27.32
CA GLU A 8 6.72 13.66 28.23
C GLU A 8 5.26 14.02 27.88
N THR A 9 4.45 13.01 27.56
CA THR A 9 3.04 13.16 27.14
C THR A 9 2.23 13.65 28.35
N THR A 10 1.45 14.72 28.17
CA THR A 10 0.53 15.35 29.17
C THR A 10 -0.91 15.20 28.70
N ASP A 11 -1.89 15.48 29.55
CA ASP A 11 -3.33 15.42 29.18
C ASP A 11 -3.63 16.51 28.13
N GLU A 12 -2.86 17.60 28.13
CA GLU A 12 -3.02 18.71 27.15
C GLU A 12 -2.66 18.16 25.75
N ALA A 13 -1.51 17.52 25.64
CA ALA A 13 -1.04 16.82 24.41
C ALA A 13 -2.11 15.81 23.95
N ARG A 14 -2.67 15.05 24.87
CA ARG A 14 -3.70 14.03 24.54
C ARG A 14 -4.89 14.73 23.89
N ALA A 15 -5.36 15.84 24.48
CA ALA A 15 -6.57 16.58 24.05
C ALA A 15 -6.32 17.23 22.67
N LEU A 16 -5.13 17.80 22.45
CA LEU A 16 -4.81 18.37 21.12
C LEU A 16 -4.94 17.26 20.06
N ALA A 17 -4.35 16.08 20.30
CA ALA A 17 -4.38 14.91 19.40
C ALA A 17 -5.83 14.51 19.10
N ARG A 18 -6.66 14.43 20.14
CA ARG A 18 -8.10 14.05 19.99
C ARG A 18 -8.85 15.14 19.24
N GLN A 19 -8.49 16.42 19.46
CA GLN A 19 -9.18 17.59 18.85
C GLN A 19 -8.86 17.62 17.34
N LEU A 20 -7.60 17.35 16.98
CA LEU A 20 -7.16 17.22 15.56
C LEU A 20 -7.97 16.13 14.87
N LEU A 21 -8.13 14.97 15.50
CA LEU A 21 -8.88 13.85 14.85
C LEU A 21 -10.36 14.23 14.70
N GLU A 22 -10.97 14.89 15.69
CA GLU A 22 -12.40 15.33 15.64
C GLU A 22 -12.60 16.35 14.49
N ALA A 23 -11.61 17.20 14.23
CA ALA A 23 -11.69 18.28 13.20
C ALA A 23 -11.32 17.77 11.80
N ALA A 24 -10.66 16.61 11.69
CA ALA A 24 -10.09 16.05 10.44
C ALA A 24 -11.16 15.77 9.39
N ARG A 25 -11.02 16.31 8.19
CA ARG A 25 -11.84 15.95 6.99
C ARG A 25 -10.96 15.29 5.91
N HIS A 26 -9.64 15.54 5.90
CA HIS A 26 -8.68 15.01 4.92
C HIS A 26 -7.41 14.62 5.65
N ALA A 27 -6.54 13.84 4.98
CA ALA A 27 -5.23 13.47 5.51
C ALA A 27 -4.25 13.10 4.39
N SER A 28 -2.98 13.00 4.74
CA SER A 28 -1.95 12.30 3.94
C SER A 28 -1.92 10.84 4.39
N LEU A 29 -2.18 9.89 3.50
CA LEU A 29 -2.12 8.44 3.84
C LEU A 29 -0.81 7.86 3.28
N GLY A 30 -0.06 7.21 4.14
CA GLY A 30 1.08 6.38 3.74
C GLY A 30 0.69 4.92 3.54
N THR A 31 1.01 4.37 2.37
CA THR A 31 0.93 2.91 2.09
C THR A 31 2.26 2.38 1.54
N LEU A 32 2.42 1.06 1.59
CA LEU A 32 3.62 0.40 1.04
C LEU A 32 3.35 0.06 -0.42
N ASP A 33 4.16 0.60 -1.34
CA ASP A 33 4.14 0.22 -2.78
C ASP A 33 4.47 -1.27 -2.91
N PRO A 34 3.51 -2.12 -3.37
CA PRO A 34 3.75 -3.57 -3.44
C PRO A 34 5.07 -3.92 -4.14
N GLU A 35 5.24 -3.47 -5.38
CA GLU A 35 6.47 -3.68 -6.18
C GLU A 35 7.73 -3.39 -5.37
N THR A 36 7.92 -2.18 -4.82
CA THR A 36 9.25 -1.67 -4.35
C THR A 36 9.34 -1.47 -2.83
N GLY A 37 8.23 -1.58 -2.09
CA GLY A 37 8.16 -1.39 -0.63
C GLY A 37 8.45 0.04 -0.16
N VAL A 38 8.57 1.01 -1.09
CA VAL A 38 8.72 2.47 -0.84
C VAL A 38 7.36 3.02 -0.40
N PRO A 39 7.30 3.95 0.59
CA PRO A 39 6.01 4.52 1.02
C PRO A 39 5.39 5.34 -0.12
N LEU A 40 4.14 5.00 -0.49
CA LEU A 40 3.28 5.85 -1.37
C LEU A 40 2.46 6.82 -0.50
N VAL A 41 2.63 8.13 -0.69
CA VAL A 41 1.93 9.18 0.12
C VAL A 41 0.88 9.84 -0.79
N THR A 42 -0.40 9.65 -0.45
CA THR A 42 -1.56 10.16 -1.21
C THR A 42 -2.51 10.92 -0.26
N ARG A 43 -3.27 11.85 -0.81
CA ARG A 43 -4.26 12.66 -0.06
C ARG A 43 -5.60 11.94 -0.09
N ILE A 44 -6.24 11.80 1.06
CA ILE A 44 -7.52 11.07 1.21
C ILE A 44 -8.54 11.85 2.04
N ALA A 45 -9.82 11.59 1.81
CA ALA A 45 -10.92 11.97 2.72
C ALA A 45 -10.79 11.08 3.96
N LEU A 46 -10.73 11.70 5.12
CA LEU A 46 -10.57 10.99 6.41
C LEU A 46 -11.34 11.72 7.50
N GLN A 47 -12.19 10.98 8.21
CA GLN A 47 -12.89 11.41 9.44
C GLN A 47 -12.63 10.34 10.51
N THR A 48 -13.30 10.43 11.64
CA THR A 48 -13.37 9.36 12.68
C THR A 48 -14.73 8.68 12.57
N ASP A 49 -14.95 7.47 13.08
CA ASP A 49 -16.34 7.01 13.36
C ASP A 49 -16.59 7.12 14.87
N ALA A 50 -17.74 6.61 15.33
CA ALA A 50 -18.33 6.75 16.69
C ALA A 50 -17.27 6.64 17.79
N ASP A 51 -16.46 5.57 17.78
CA ASP A 51 -15.41 5.30 18.79
C ASP A 51 -14.16 6.18 18.57
N GLY A 52 -14.17 7.08 17.58
CA GLY A 52 -13.09 8.08 17.36
C GLY A 52 -11.88 7.50 16.67
N VAL A 53 -12.06 6.37 15.99
CA VAL A 53 -11.00 5.64 15.24
C VAL A 53 -10.97 6.21 13.84
N PRO A 54 -9.77 6.59 13.32
CA PRO A 54 -9.66 7.13 11.97
C PRO A 54 -10.39 6.26 10.94
N LEU A 55 -11.11 6.89 10.02
CA LEU A 55 -11.96 6.20 9.03
C LEU A 55 -11.69 6.86 7.69
N ALA A 56 -11.18 6.11 6.72
CA ALA A 56 -10.76 6.62 5.40
C ALA A 56 -11.84 6.22 4.40
N LEU A 57 -12.03 7.00 3.36
CA LEU A 57 -12.92 6.64 2.23
C LEU A 57 -12.07 6.62 0.95
N LEU A 58 -11.79 5.43 0.42
CA LEU A 58 -10.88 5.24 -0.74
C LEU A 58 -11.66 4.69 -1.93
N ALA A 59 -11.29 5.10 -3.13
CA ALA A 59 -11.62 4.44 -4.42
C ALA A 59 -11.00 3.03 -4.39
N GLY A 60 -11.86 2.01 -4.43
CA GLY A 60 -11.50 0.60 -4.16
C GLY A 60 -10.36 0.06 -5.03
N LEU A 61 -10.07 0.63 -6.19
CA LEU A 61 -9.04 0.10 -7.14
C LEU A 61 -7.93 1.11 -7.43
N ALA A 62 -7.92 2.26 -6.76
CA ALA A 62 -6.81 3.23 -6.75
C ALA A 62 -5.56 2.59 -6.11
N ALA A 63 -4.40 3.13 -6.48
CA ALA A 63 -3.04 2.74 -6.03
C ALA A 63 -2.98 2.48 -4.52
N HIS A 64 -3.50 3.37 -3.70
CA HIS A 64 -3.40 3.30 -2.22
C HIS A 64 -4.34 2.21 -1.69
N ALA A 65 -5.48 1.99 -2.35
CA ALA A 65 -6.45 0.94 -1.97
C ALA A 65 -5.85 -0.45 -2.31
N ARG A 66 -5.20 -0.55 -3.48
CA ARG A 66 -4.54 -1.82 -3.91
C ARG A 66 -3.39 -2.10 -2.97
N ALA A 67 -2.62 -1.09 -2.58
CA ALA A 67 -1.48 -1.29 -1.66
C ALA A 67 -2.03 -1.88 -0.36
N LEU A 68 -3.17 -1.35 0.12
CA LEU A 68 -3.75 -1.77 1.43
C LEU A 68 -4.22 -3.21 1.33
N ALA A 69 -4.94 -3.54 0.25
CA ALA A 69 -5.44 -4.90 -0.09
C ALA A 69 -4.33 -5.94 0.08
N VAL A 70 -3.11 -5.61 -0.33
CA VAL A 70 -1.93 -6.52 -0.32
C VAL A 70 -1.21 -6.42 1.04
N ASP A 71 -1.12 -5.23 1.65
CA ASP A 71 -0.43 -5.02 2.96
C ASP A 71 -1.17 -3.93 3.76
N PRO A 72 -1.85 -4.27 4.87
CA PRO A 72 -2.67 -3.28 5.57
C PRO A 72 -1.89 -2.28 6.44
N ARG A 73 -0.57 -2.29 6.43
CA ARG A 73 0.19 -1.28 7.22
C ARG A 73 -0.04 0.11 6.59
N ALA A 74 -0.36 1.10 7.42
CA ALA A 74 -0.87 2.43 6.99
C ALA A 74 -0.38 3.50 7.95
N GLY A 75 0.18 4.58 7.39
CA GLY A 75 0.47 5.85 8.09
C GLY A 75 -0.56 6.93 7.77
N LEU A 76 -0.87 7.77 8.74
CA LEU A 76 -1.68 9.01 8.52
C LEU A 76 -0.92 10.19 9.11
N LEU A 77 -0.84 11.29 8.34
CA LEU A 77 -0.59 12.66 8.83
C LEU A 77 -1.91 13.44 8.85
N ILE A 78 -2.25 14.02 9.99
CA ILE A 78 -3.47 14.84 10.18
C ILE A 78 -3.02 16.22 10.66
N ALA A 79 -3.24 17.24 9.85
CA ALA A 79 -2.89 18.64 10.17
C ALA A 79 -4.20 19.40 10.36
N ALA A 80 -4.11 20.54 11.03
CA ALA A 80 -5.19 21.53 11.20
C ALA A 80 -5.42 22.22 9.85
N GLU A 81 -6.54 21.94 9.19
CA GLU A 81 -6.81 22.40 7.80
C GLU A 81 -6.97 23.93 7.80
N ALA A 82 -7.51 24.50 8.89
CA ALA A 82 -7.83 25.94 9.03
C ALA A 82 -6.61 26.77 9.47
N ALA A 83 -5.53 26.15 9.92
CA ALA A 83 -4.33 26.90 10.40
C ALA A 83 -3.92 27.93 9.34
N LYS A 84 -3.43 29.10 9.77
CA LYS A 84 -2.92 30.18 8.88
C LYS A 84 -1.42 30.36 9.14
N GLY A 85 -0.70 31.01 8.23
CA GLY A 85 0.75 31.21 8.39
C GLY A 85 1.58 29.99 7.97
N ASP A 86 2.85 29.98 8.37
CA ASP A 86 3.89 28.97 7.98
C ASP A 86 3.40 27.54 8.30
N ALA A 87 3.37 26.66 7.29
CA ALA A 87 2.95 25.23 7.38
C ALA A 87 3.60 24.53 8.58
N MET A 88 4.88 24.80 8.86
CA MET A 88 5.70 24.10 9.87
C MET A 88 5.33 24.51 11.29
N THR A 89 4.53 25.55 11.49
CA THR A 89 4.02 25.95 12.84
C THR A 89 2.60 25.40 13.06
N HIS A 90 1.99 24.75 12.07
CA HIS A 90 0.66 24.12 12.22
C HIS A 90 0.81 22.87 13.09
N ALA A 91 -0.20 22.60 13.92
CA ALA A 91 -0.26 21.37 14.75
C ALA A 91 -0.54 20.20 13.81
N ARG A 92 0.07 19.05 14.08
CA ARG A 92 -0.07 17.87 13.19
C ARG A 92 0.27 16.58 13.93
N LEU A 93 -0.51 15.56 13.62
CA LEU A 93 -0.46 14.25 14.29
C LEU A 93 -0.09 13.19 13.24
N SER A 94 0.97 12.42 13.50
CA SER A 94 1.40 11.23 12.71
C SER A 94 0.88 10.00 13.40
N ILE A 95 0.10 9.18 12.71
CA ILE A 95 -0.36 7.88 13.26
C ILE A 95 0.26 6.74 12.44
N LEU A 96 0.75 5.71 13.15
CA LEU A 96 1.09 4.38 12.61
C LEU A 96 -0.08 3.44 12.94
N GLY A 97 -0.66 2.77 11.95
CA GLY A 97 -1.88 1.98 12.13
C GLY A 97 -1.90 0.79 11.20
N ARG A 98 -2.98 -0.01 11.30
CA ARG A 98 -3.32 -1.10 10.36
C ARG A 98 -4.73 -0.86 9.81
N ALA A 99 -4.87 -0.91 8.49
CA ALA A 99 -6.15 -0.67 7.78
C ALA A 99 -7.00 -1.94 7.87
N VAL A 100 -8.31 -1.77 8.02
CA VAL A 100 -9.32 -2.85 8.13
C VAL A 100 -10.56 -2.39 7.37
N PRO A 101 -11.05 -3.12 6.35
CA PRO A 101 -12.33 -2.80 5.72
C PRO A 101 -13.41 -2.62 6.80
N ALA A 102 -14.21 -1.57 6.66
CA ALA A 102 -15.24 -1.20 7.66
C ALA A 102 -16.59 -1.69 7.14
N GLU A 103 -17.39 -2.22 8.07
CA GLU A 103 -18.72 -2.84 7.83
C GLU A 103 -19.56 -1.93 6.94
N PRO A 104 -20.64 -2.45 6.31
CA PRO A 104 -21.73 -1.59 5.85
C PRO A 104 -22.37 -0.95 7.10
N ASP A 105 -22.83 0.30 6.98
CA ASP A 105 -23.53 1.04 8.07
C ASP A 105 -24.26 2.24 7.45
N GLU A 106 -25.57 2.34 7.74
CA GLU A 106 -26.47 3.44 7.30
C GLU A 106 -26.11 4.72 8.07
N ASN A 107 -25.78 4.60 9.36
CA ASN A 107 -25.40 5.74 10.23
C ASN A 107 -24.06 6.32 9.77
N ARG A 108 -23.11 5.46 9.41
CA ARG A 108 -21.76 5.85 8.93
C ARG A 108 -21.91 6.69 7.66
N ARG A 109 -22.65 6.17 6.68
CA ARG A 109 -22.93 6.87 5.40
C ARG A 109 -24.04 7.88 5.68
N ALA A 110 -23.70 9.05 6.25
CA ALA A 110 -24.66 10.06 6.79
C ALA A 110 -23.94 10.97 7.79
N ARG A 111 -23.38 10.38 8.85
CA ARG A 111 -22.36 11.06 9.69
C ARG A 111 -21.38 11.76 8.74
N TRP A 112 -20.89 11.01 7.77
CA TRP A 112 -19.80 11.44 6.87
C TRP A 112 -20.25 12.68 6.09
N LEU A 113 -21.48 12.69 5.58
CA LEU A 113 -21.98 13.82 4.75
C LEU A 113 -22.26 15.05 5.63
N GLU A 114 -22.87 14.86 6.80
CA GLU A 114 -23.10 15.96 7.77
C GLU A 114 -21.77 16.69 7.97
N ARG A 115 -20.66 15.94 8.01
CA ARG A 115 -19.31 16.49 8.35
C ARG A 115 -18.56 16.92 7.08
N ASP A 116 -18.88 16.33 5.93
CA ASP A 116 -18.25 16.68 4.63
C ASP A 116 -19.31 16.59 3.54
N PRO A 117 -20.07 17.69 3.28
CA PRO A 117 -21.10 17.70 2.24
C PRO A 117 -20.56 17.41 0.83
N LYS A 118 -19.51 18.13 0.42
CA LYS A 118 -18.74 17.93 -0.84
C LYS A 118 -18.60 16.44 -1.16
N ALA A 119 -18.46 15.58 -0.14
CA ALA A 119 -18.19 14.13 -0.26
C ALA A 119 -19.47 13.34 -0.65
N LYS A 120 -20.44 13.98 -1.32
CA LYS A 120 -21.55 13.25 -2.01
C LYS A 120 -21.02 12.71 -3.34
N VAL A 121 -20.26 13.53 -4.09
CA VAL A 121 -19.60 13.10 -5.37
C VAL A 121 -19.08 11.65 -5.20
N TYR A 122 -18.35 11.35 -4.12
CA TYR A 122 -17.74 10.02 -3.85
C TYR A 122 -18.81 8.95 -3.56
N LEU A 123 -19.92 9.31 -2.92
CA LEU A 123 -21.01 8.37 -2.56
C LEU A 123 -22.19 8.55 -3.54
N PRO A 126 -21.08 3.44 -5.53
CA PRO A 126 -20.01 3.52 -6.54
C PRO A 126 -18.95 2.42 -6.32
N ASP A 127 -17.68 2.76 -6.56
CA ASP A 127 -16.49 1.90 -6.35
C ASP A 127 -15.78 2.27 -5.04
N PHE A 128 -16.41 3.06 -4.16
CA PHE A 128 -15.76 3.72 -3.00
C PHE A 128 -16.06 2.96 -1.71
N ARG A 129 -15.06 2.86 -0.83
CA ARG A 129 -15.08 1.95 0.33
C ARG A 129 -14.49 2.60 1.58
N PHE A 130 -15.07 2.26 2.73
CA PHE A 130 -14.61 2.70 4.06
C PHE A 130 -13.57 1.70 4.57
N TRP A 131 -12.47 2.25 5.10
CA TRP A 131 -11.39 1.56 5.86
C TRP A 131 -11.22 2.20 7.24
N ARG A 132 -11.26 1.42 8.32
CA ARG A 132 -10.82 1.85 9.67
C ARG A 132 -9.30 1.72 9.72
N ILE A 133 -8.60 2.76 10.18
CA ILE A 133 -7.13 2.68 10.37
C ILE A 133 -6.89 2.67 11.88
N GLU A 134 -6.73 1.46 12.42
CA GLU A 134 -6.64 1.22 13.88
C GLU A 134 -5.25 1.61 14.34
N PRO A 135 -5.13 2.60 15.25
CA PRO A 135 -3.82 3.07 15.66
C PRO A 135 -3.09 2.09 16.58
N VAL A 136 -1.78 1.99 16.35
CA VAL A 136 -0.78 1.34 17.22
C VAL A 136 -0.05 2.43 18.00
N SER A 137 0.50 3.45 17.31
CA SER A 137 1.31 4.55 17.89
C SER A 137 1.08 5.89 17.18
N GLY A 138 1.56 6.99 17.78
CA GLY A 138 1.33 8.36 17.31
C GLY A 138 2.49 9.29 17.61
N LEU A 139 2.73 10.27 16.75
CA LEU A 139 3.68 11.38 17.02
C LEU A 139 2.90 12.71 16.94
N LEU A 140 2.84 13.47 18.04
CA LEU A 140 2.15 14.79 18.04
C LEU A 140 3.21 15.86 17.88
N ASN A 141 3.04 16.73 16.90
CA ASN A 141 3.87 17.95 16.77
C ASN A 141 2.95 19.16 16.93
N ALA A 142 3.11 19.94 18.00
CA ALA A 142 2.19 21.02 18.45
C ALA A 142 2.41 22.29 17.63
N GLY A 143 3.53 22.36 16.90
CA GLY A 143 3.84 23.49 16.00
C GLY A 143 5.17 24.11 16.36
N PHE A 144 5.72 23.73 17.52
CA PHE A 144 6.86 24.37 18.21
C PHE A 144 7.37 23.43 19.28
N GLY A 145 8.68 23.48 19.59
CA GLY A 145 9.29 22.62 20.62
C GLY A 145 9.34 21.16 20.18
N GLN A 146 9.34 20.25 21.15
CA GLN A 146 9.55 18.80 20.91
C GLN A 146 8.18 18.12 20.77
N ALA A 147 8.14 17.03 20.00
CA ALA A 147 6.95 16.20 19.75
C ALA A 147 6.60 15.39 21.00
N PHE A 148 5.38 14.86 21.04
CA PHE A 148 4.91 13.86 22.02
C PHE A 148 4.73 12.51 21.32
N LYS A 149 5.22 11.43 21.94
CA LYS A 149 4.89 10.02 21.60
C LYS A 149 3.55 9.65 22.24
N LEU A 150 2.62 9.09 21.45
CA LEU A 150 1.25 8.77 21.92
C LEU A 150 0.98 7.27 21.73
N THR A 151 0.23 6.68 22.66
CA THR A 151 -0.32 5.31 22.55
C THR A 151 -1.66 5.42 21.84
N ALA A 152 -2.32 4.29 21.60
CA ALA A 152 -3.60 4.23 20.87
C ALA A 152 -4.72 4.75 21.78
N SER A 153 -4.59 4.56 23.10
CA SER A 153 -5.56 5.07 24.10
C SER A 153 -5.52 6.61 24.11
N ASP A 154 -4.32 7.17 24.11
CA ASP A 154 -4.01 8.63 24.06
C ASP A 154 -4.78 9.35 22.93
N MET A 155 -5.04 8.67 21.81
CA MET A 155 -5.63 9.26 20.57
C MET A 155 -7.15 9.05 20.52
N LEU A 156 -7.73 8.19 21.36
CA LEU A 156 -9.12 7.69 21.15
C LEU A 156 -10.11 8.26 22.18
N LYS A 157 -9.75 8.37 23.46
CA LYS A 157 -10.67 8.92 24.51
C LYS A 157 -9.96 8.99 25.88
N ARG B 7 -17.93 -4.46 -13.39
CA ARG B 7 -17.77 -5.71 -14.20
C ARG B 7 -16.70 -5.50 -15.27
N GLU B 8 -16.69 -4.35 -15.96
CA GLU B 8 -15.75 -4.12 -17.09
C GLU B 8 -14.32 -4.00 -16.55
N THR B 9 -13.40 -4.77 -17.15
CA THR B 9 -12.00 -4.93 -16.70
C THR B 9 -11.22 -3.68 -17.09
N THR B 10 -10.60 -3.06 -16.09
CA THR B 10 -9.81 -1.81 -16.19
C THR B 10 -8.35 -2.17 -15.99
N ASP B 11 -7.42 -1.25 -16.25
CA ASP B 11 -5.97 -1.44 -15.97
C ASP B 11 -5.78 -1.59 -14.45
N GLU B 12 -6.69 -1.05 -13.64
CA GLU B 12 -6.50 -1.05 -12.18
C GLU B 12 -6.82 -2.46 -11.65
N ALA B 13 -7.88 -3.09 -12.18
CA ALA B 13 -8.26 -4.51 -11.93
C ALA B 13 -7.16 -5.46 -12.43
N ARG B 14 -6.57 -5.20 -13.60
CA ARG B 14 -5.39 -5.97 -14.10
C ARG B 14 -4.26 -5.88 -13.08
N ALA B 15 -4.00 -4.69 -12.56
CA ALA B 15 -2.84 -4.39 -11.68
C ALA B 15 -2.97 -5.11 -10.33
N LEU B 16 -4.18 -5.09 -9.76
CA LEU B 16 -4.54 -5.80 -8.50
C LEU B 16 -4.29 -7.33 -8.66
N ALA B 17 -4.82 -7.98 -9.69
CA ALA B 17 -4.51 -9.39 -10.02
C ALA B 17 -3.00 -9.63 -10.05
N ARG B 18 -2.23 -8.81 -10.79
CA ARG B 18 -0.75 -9.02 -10.91
C ARG B 18 -0.05 -8.79 -9.57
N GLN B 19 -0.57 -7.85 -8.77
CA GLN B 19 -0.04 -7.54 -7.42
C GLN B 19 -0.35 -8.69 -6.44
N LEU B 20 -1.56 -9.27 -6.50
CA LEU B 20 -1.90 -10.49 -5.70
C LEU B 20 -0.99 -11.64 -6.11
N LEU B 21 -0.65 -11.78 -7.40
CA LEU B 21 0.22 -12.90 -7.84
C LEU B 21 1.64 -12.64 -7.37
N GLU B 22 2.07 -11.38 -7.32
CA GLU B 22 3.49 -11.05 -6.96
C GLU B 22 3.69 -11.21 -5.44
N ALA B 23 2.64 -11.05 -4.64
CA ALA B 23 2.71 -11.09 -3.17
C ALA B 23 2.40 -12.50 -2.66
N ALA B 24 1.95 -13.41 -3.53
CA ALA B 24 1.54 -14.79 -3.14
C ALA B 24 2.73 -15.64 -2.69
N ARG B 25 2.55 -16.30 -1.54
CA ARG B 25 3.46 -17.32 -0.99
C ARG B 25 2.72 -18.67 -0.85
N HIS B 26 1.38 -18.63 -0.76
CA HIS B 26 0.50 -19.82 -0.62
CA HIS B 26 0.52 -19.83 -0.62
C HIS B 26 -0.78 -19.61 -1.43
N ALA B 27 -1.59 -20.66 -1.61
CA ALA B 27 -2.82 -20.61 -2.42
C ALA B 27 -3.70 -21.83 -2.10
N SER B 28 -4.98 -21.81 -2.48
CA SER B 28 -5.81 -23.04 -2.55
C SER B 28 -5.67 -23.63 -3.95
N LEU B 29 -5.22 -24.89 -4.08
CA LEU B 29 -5.14 -25.59 -5.38
C LEU B 29 -6.38 -26.47 -5.51
N GLY B 30 -7.04 -26.36 -6.66
CA GLY B 30 -8.10 -27.28 -7.08
C GLY B 30 -7.55 -28.26 -8.08
N THR B 31 -7.71 -29.55 -7.80
CA THR B 31 -7.39 -30.66 -8.75
C THR B 31 -8.58 -31.61 -8.83
N LEU B 32 -8.57 -32.47 -9.85
CA LEU B 32 -9.65 -33.45 -10.07
C LEU B 32 -9.25 -34.76 -9.40
N ASP B 33 -10.08 -35.27 -8.49
CA ASP B 33 -9.92 -36.62 -7.89
C ASP B 33 -10.02 -37.69 -8.98
N PRO B 34 -8.95 -38.45 -9.29
CA PRO B 34 -9.01 -39.42 -10.39
C PRO B 34 -10.14 -40.46 -10.24
N GLU B 35 -10.32 -41.03 -9.06
CA GLU B 35 -11.44 -41.98 -8.76
C GLU B 35 -12.79 -41.34 -9.14
N THR B 36 -13.13 -40.17 -8.58
CA THR B 36 -14.56 -39.70 -8.52
C THR B 36 -14.82 -38.45 -9.38
N GLY B 37 -13.78 -37.75 -9.89
CA GLY B 37 -13.87 -36.49 -10.63
C GLY B 37 -14.26 -35.28 -9.77
N VAL B 38 -14.41 -35.44 -8.44
CA VAL B 38 -14.71 -34.34 -7.50
C VAL B 38 -13.49 -33.45 -7.34
N PRO B 39 -13.65 -32.09 -7.31
CA PRO B 39 -12.54 -31.19 -7.01
C PRO B 39 -12.00 -31.50 -5.60
N LEU B 40 -10.72 -31.85 -5.55
CA LEU B 40 -9.90 -31.83 -4.31
C LEU B 40 -9.31 -30.42 -4.13
N VAL B 41 -9.58 -29.77 -3.00
CA VAL B 41 -9.03 -28.40 -2.71
C VAL B 41 -8.04 -28.53 -1.54
N THR B 42 -6.74 -28.27 -1.80
CA THR B 42 -5.65 -28.41 -0.80
C THR B 42 -4.94 -27.06 -0.68
N ARG B 43 -4.24 -26.80 0.42
CA ARG B 43 -3.35 -25.63 0.55
C ARG B 43 -1.96 -26.02 0.07
N ILE B 44 -1.35 -25.14 -0.73
CA ILE B 44 -0.01 -25.33 -1.34
C ILE B 44 0.83 -24.06 -1.18
N ALA B 45 2.15 -24.23 -1.19
CA ALA B 45 3.14 -23.18 -1.44
C ALA B 45 3.06 -22.76 -2.92
N LEU B 46 2.90 -21.45 -3.16
CA LEU B 46 2.76 -20.90 -4.52
C LEU B 46 3.45 -19.54 -4.62
N GLN B 47 4.27 -19.37 -5.64
CA GLN B 47 4.82 -18.05 -6.06
C GLN B 47 4.59 -17.93 -7.55
N THR B 48 5.29 -17.00 -8.18
CA THR B 48 5.32 -16.86 -9.66
C THR B 48 6.74 -17.11 -10.15
N ASP B 49 6.86 -17.53 -11.42
CA ASP B 49 8.13 -17.56 -12.18
C ASP B 49 8.43 -16.15 -12.69
N ALA B 50 9.60 -15.96 -13.32
CA ALA B 50 10.09 -14.70 -13.92
C ALA B 50 9.00 -14.05 -14.80
N ASP B 51 8.43 -14.79 -15.73
CA ASP B 51 7.33 -14.33 -16.64
C ASP B 51 6.03 -14.03 -15.88
N GLY B 52 5.93 -14.29 -14.58
CA GLY B 52 4.70 -14.01 -13.79
C GLY B 52 3.68 -15.13 -13.83
N VAL B 53 4.10 -16.32 -14.27
CA VAL B 53 3.22 -17.54 -14.30
C VAL B 53 3.22 -18.19 -12.91
N PRO B 54 2.03 -18.50 -12.35
CA PRO B 54 1.95 -19.19 -11.07
C PRO B 54 2.83 -20.45 -11.09
N LEU B 55 3.56 -20.66 -10.00
CA LEU B 55 4.54 -21.76 -9.84
C LEU B 55 4.28 -22.43 -8.49
N ALA B 56 3.73 -23.63 -8.50
CA ALA B 56 3.45 -24.45 -7.30
C ALA B 56 4.67 -25.32 -6.99
N LEU B 57 4.92 -25.54 -5.68
CA LEU B 57 5.92 -26.49 -5.15
C LEU B 57 5.15 -27.56 -4.37
N LEU B 58 5.05 -28.77 -4.93
CA LEU B 58 4.23 -29.89 -4.39
C LEU B 58 5.13 -31.06 -3.96
N ALA B 59 4.71 -31.78 -2.91
CA ALA B 59 5.21 -33.13 -2.57
C ALA B 59 4.84 -34.10 -3.72
N GLY B 60 5.86 -34.64 -4.37
CA GLY B 60 5.77 -35.36 -5.66
C GLY B 60 4.71 -36.44 -5.71
N LEU B 61 4.34 -37.10 -4.59
CA LEU B 61 3.40 -38.26 -4.60
C LEU B 61 2.17 -38.00 -3.71
N ALA B 62 1.97 -36.79 -3.22
CA ALA B 62 0.73 -36.40 -2.50
C ALA B 62 -0.49 -36.49 -3.45
N ALA B 63 -1.69 -36.57 -2.87
CA ALA B 63 -2.97 -36.69 -3.58
C ALA B 63 -3.06 -35.69 -4.75
N HIS B 64 -2.68 -34.42 -4.52
CA HIS B 64 -2.86 -33.33 -5.50
C HIS B 64 -1.80 -33.45 -6.63
N ALA B 65 -0.60 -33.90 -6.31
CA ALA B 65 0.45 -34.14 -7.34
C ALA B 65 0.07 -35.37 -8.21
N ARG B 66 -0.56 -36.38 -7.62
CA ARG B 66 -0.99 -37.60 -8.34
C ARG B 66 -2.18 -37.26 -9.22
N ALA B 67 -3.08 -36.39 -8.76
CA ALA B 67 -4.25 -35.92 -9.52
C ALA B 67 -3.76 -35.21 -10.80
N LEU B 68 -2.76 -34.34 -10.66
CA LEU B 68 -2.20 -33.50 -11.75
C LEU B 68 -1.41 -34.38 -12.72
N ALA B 69 -0.79 -35.46 -12.24
CA ALA B 69 -0.03 -36.44 -13.08
C ALA B 69 -0.98 -37.12 -14.07
N VAL B 70 -2.23 -37.34 -13.65
CA VAL B 70 -3.29 -38.03 -14.44
C VAL B 70 -4.12 -37.03 -15.24
N ASP B 71 -4.29 -35.79 -14.78
CA ASP B 71 -5.11 -34.77 -15.46
C ASP B 71 -4.60 -33.41 -15.01
N PRO B 72 -3.95 -32.63 -15.90
CA PRO B 72 -3.27 -31.40 -15.51
C PRO B 72 -4.19 -30.19 -15.32
N ARG B 73 -5.49 -30.34 -15.52
CA ARG B 73 -6.48 -29.27 -15.24
C ARG B 73 -6.39 -28.89 -13.76
N ALA B 74 -6.15 -27.60 -13.48
CA ALA B 74 -5.84 -27.03 -12.15
C ALA B 74 -6.58 -25.70 -11.92
N GLY B 75 -7.05 -25.50 -10.69
CA GLY B 75 -7.72 -24.28 -10.21
C GLY B 75 -6.89 -23.68 -9.10
N LEU B 76 -6.81 -22.36 -9.03
CA LEU B 76 -6.10 -21.64 -7.96
C LEU B 76 -7.03 -20.57 -7.39
N LEU B 77 -6.91 -20.34 -6.09
CA LEU B 77 -7.48 -19.17 -5.37
C LEU B 77 -6.32 -18.49 -4.65
N ILE B 78 -6.09 -17.22 -4.97
CA ILE B 78 -4.99 -16.42 -4.36
C ILE B 78 -5.64 -15.25 -3.64
N ALA B 79 -5.37 -15.12 -2.36
CA ALA B 79 -5.90 -14.08 -1.46
C ALA B 79 -4.69 -13.36 -0.88
N ALA B 80 -4.87 -12.16 -0.36
CA ALA B 80 -3.85 -11.42 0.43
C ALA B 80 -3.65 -12.13 1.77
N GLU B 81 -2.46 -12.65 2.02
CA GLU B 81 -2.05 -13.28 3.31
C GLU B 81 -2.30 -12.31 4.48
N ALA B 82 -1.98 -11.02 4.28
CA ALA B 82 -1.84 -9.99 5.33
C ALA B 82 -3.20 -9.39 5.66
N ALA B 83 -4.21 -9.56 4.80
CA ALA B 83 -5.53 -8.90 4.95
C ALA B 83 -6.07 -9.17 6.36
N LYS B 84 -6.75 -8.17 6.96
CA LYS B 84 -7.40 -8.28 8.30
C LYS B 84 -8.91 -8.10 8.15
N GLY B 85 -9.68 -8.53 9.15
CA GLY B 85 -11.16 -8.39 9.18
C GLY B 85 -11.86 -9.52 8.42
N ASP B 86 -13.18 -9.36 8.21
CA ASP B 86 -14.09 -10.31 7.51
C ASP B 86 -13.46 -10.81 6.21
N ALA B 87 -13.40 -12.15 6.07
CA ALA B 87 -12.83 -12.88 4.91
C ALA B 87 -13.43 -12.41 3.59
N MET B 88 -14.73 -12.10 3.56
CA MET B 88 -15.45 -11.82 2.30
C MET B 88 -15.17 -10.39 1.80
N THR B 89 -14.40 -9.58 2.54
CA THR B 89 -13.97 -8.22 2.09
C THR B 89 -12.53 -8.25 1.55
N HIS B 90 -11.82 -9.38 1.59
CA HIS B 90 -10.43 -9.49 1.08
C HIS B 90 -10.48 -9.62 -0.45
N ALA B 91 -9.50 -9.04 -1.13
CA ALA B 91 -9.31 -9.23 -2.58
C ALA B 91 -8.81 -10.66 -2.82
N ARG B 92 -9.25 -11.30 -3.90
CA ARG B 92 -8.92 -12.71 -4.18
C ARG B 92 -9.09 -12.97 -5.66
N LEU B 93 -8.23 -13.84 -6.16
CA LEU B 93 -8.14 -14.11 -7.61
C LEU B 93 -8.29 -15.62 -7.79
N SER B 94 -9.30 -16.03 -8.55
CA SER B 94 -9.54 -17.40 -9.04
C SER B 94 -8.88 -17.57 -10.42
N ILE B 95 -8.07 -18.60 -10.63
CA ILE B 95 -7.50 -18.94 -11.96
C ILE B 95 -7.98 -20.35 -12.37
N LEU B 96 -8.48 -20.48 -13.61
CA LEU B 96 -8.54 -21.76 -14.38
C LEU B 96 -7.25 -21.88 -15.22
N GLY B 97 -6.54 -23.01 -15.13
CA GLY B 97 -5.27 -23.22 -15.85
C GLY B 97 -4.91 -24.69 -16.05
N ARG B 98 -3.69 -24.93 -16.50
CA ARG B 98 -3.19 -26.28 -16.88
C ARG B 98 -1.81 -26.48 -16.25
N ALA B 99 -1.67 -27.51 -15.42
CA ALA B 99 -0.41 -27.78 -14.72
C ALA B 99 0.57 -28.45 -15.70
N VAL B 100 1.84 -28.04 -15.64
CA VAL B 100 2.95 -28.57 -16.48
C VAL B 100 4.16 -28.69 -15.56
N PRO B 101 4.83 -29.85 -15.46
CA PRO B 101 6.05 -29.93 -14.67
C PRO B 101 7.00 -28.86 -15.21
N ALA B 102 7.84 -28.32 -14.34
CA ALA B 102 8.94 -27.38 -14.68
C ALA B 102 10.26 -27.96 -14.16
N GLU B 103 11.38 -27.57 -14.77
CA GLU B 103 12.75 -28.00 -14.35
C GLU B 103 13.06 -27.35 -12.99
N PRO B 104 13.84 -28.01 -12.09
CA PRO B 104 14.37 -27.33 -10.90
C PRO B 104 15.71 -26.64 -11.19
N ASP B 105 15.70 -25.63 -12.09
CA ASP B 105 16.85 -24.72 -12.38
C ASP B 105 17.51 -24.29 -11.07
N GLU B 106 18.74 -23.79 -11.16
CA GLU B 106 19.43 -23.10 -10.03
C GLU B 106 18.76 -21.73 -9.80
N ASN B 107 18.38 -21.05 -10.89
CA ASN B 107 17.84 -19.66 -10.91
C ASN B 107 16.43 -19.62 -10.29
N ARG B 108 15.71 -20.75 -10.29
CA ARG B 108 14.32 -20.89 -9.78
C ARG B 108 14.32 -21.15 -8.28
N ARG B 109 15.20 -22.05 -7.82
CA ARG B 109 15.42 -22.41 -6.40
C ARG B 109 15.80 -21.15 -5.61
N ALA B 110 16.62 -20.28 -6.23
CA ALA B 110 17.16 -19.02 -5.67
C ALA B 110 16.03 -18.01 -5.45
N ARG B 111 15.25 -17.76 -6.51
CA ARG B 111 14.12 -16.80 -6.53
C ARG B 111 13.15 -17.18 -5.41
N TRP B 112 12.82 -18.47 -5.30
CA TRP B 112 11.85 -19.00 -4.31
C TRP B 112 12.35 -18.78 -2.87
N LEU B 113 13.63 -19.03 -2.58
CA LEU B 113 14.25 -18.84 -1.23
C LEU B 113 14.37 -17.36 -0.87
N GLU B 114 14.69 -16.48 -1.82
CA GLU B 114 14.79 -15.03 -1.55
C GLU B 114 13.39 -14.51 -1.19
N ARG B 115 12.34 -15.12 -1.76
CA ARG B 115 10.93 -14.72 -1.55
C ARG B 115 10.32 -15.51 -0.39
N ASP B 116 10.81 -16.72 -0.10
CA ASP B 116 10.37 -17.52 1.06
C ASP B 116 11.56 -18.30 1.61
N PRO B 117 12.31 -17.73 2.58
CA PRO B 117 13.43 -18.43 3.22
C PRO B 117 13.05 -19.67 4.04
N LYS B 118 11.87 -19.63 4.71
CA LYS B 118 11.29 -20.78 5.46
C LYS B 118 11.27 -22.03 4.57
N ALA B 119 10.96 -21.88 3.28
CA ALA B 119 10.80 -22.97 2.29
C ALA B 119 12.12 -23.71 2.05
N LYS B 120 13.17 -23.41 2.83
CA LYS B 120 14.45 -24.17 2.77
C LYS B 120 14.20 -25.63 3.17
N VAL B 121 13.22 -25.88 4.07
CA VAL B 121 12.80 -27.23 4.52
C VAL B 121 12.38 -28.09 3.31
N TYR B 122 11.47 -27.61 2.45
CA TYR B 122 10.87 -28.36 1.32
C TYR B 122 11.87 -28.54 0.18
N LEU B 123 12.71 -27.53 -0.09
CA LEU B 123 13.62 -27.51 -1.27
C LEU B 123 14.77 -28.50 -1.09
N ASP B 124 15.15 -28.80 0.15
CA ASP B 124 16.30 -29.70 0.50
C ASP B 124 15.95 -31.13 0.08
N LEU B 125 14.68 -31.54 0.25
CA LEU B 125 14.17 -32.89 -0.11
C LEU B 125 14.01 -32.95 -1.63
N PRO B 126 14.52 -34.00 -2.33
CA PRO B 126 14.41 -34.08 -3.79
C PRO B 126 13.02 -34.45 -4.33
N ASP B 127 12.10 -34.85 -3.44
CA ASP B 127 10.73 -35.34 -3.80
C ASP B 127 9.74 -34.17 -3.90
N PHE B 128 10.20 -32.92 -3.81
CA PHE B 128 9.37 -31.70 -3.95
C PHE B 128 9.59 -31.15 -5.34
N ARG B 129 8.53 -31.10 -6.15
CA ARG B 129 8.55 -30.77 -7.60
C ARG B 129 7.81 -29.45 -7.86
N PHE B 130 8.37 -28.65 -8.77
CA PHE B 130 7.79 -27.40 -9.27
C PHE B 130 6.86 -27.68 -10.44
N TRP B 131 5.62 -27.19 -10.36
CA TRP B 131 4.59 -27.15 -11.45
C TRP B 131 4.28 -25.69 -11.81
N ARG B 132 4.43 -25.30 -13.08
CA ARG B 132 3.81 -24.07 -13.65
C ARG B 132 2.32 -24.33 -13.89
N ILE B 133 1.45 -23.47 -13.39
CA ILE B 133 0.00 -23.53 -13.70
C ILE B 133 -0.30 -22.43 -14.71
N GLU B 134 -0.33 -22.79 -15.99
CA GLU B 134 -0.48 -21.84 -17.11
C GLU B 134 -1.96 -21.47 -17.16
N PRO B 135 -2.28 -20.16 -16.99
CA PRO B 135 -3.68 -19.74 -16.91
C PRO B 135 -4.38 -19.66 -18.27
N VAL B 136 -5.66 -20.01 -18.26
CA VAL B 136 -6.63 -19.90 -19.39
C VAL B 136 -7.49 -18.64 -19.19
N SER B 137 -8.02 -18.45 -17.98
CA SER B 137 -8.98 -17.38 -17.60
C SER B 137 -8.95 -17.13 -16.08
N GLY B 138 -9.36 -15.93 -15.67
CA GLY B 138 -9.32 -15.49 -14.27
C GLY B 138 -10.64 -14.87 -13.86
N LEU B 139 -10.90 -14.86 -12.55
CA LEU B 139 -11.99 -14.12 -11.88
C LEU B 139 -11.36 -13.34 -10.73
N LEU B 140 -11.34 -12.01 -10.80
CA LEU B 140 -10.89 -11.14 -9.71
C LEU B 140 -12.10 -10.64 -8.94
N ASN B 141 -12.12 -10.87 -7.64
CA ASN B 141 -13.12 -10.30 -6.71
C ASN B 141 -12.37 -9.37 -5.77
N ALA B 142 -12.57 -8.05 -5.89
CA ALA B 142 -11.72 -7.01 -5.24
C ALA B 142 -12.17 -6.76 -3.80
N GLY B 143 -13.18 -7.51 -3.33
CA GLY B 143 -13.63 -7.54 -1.92
C GLY B 143 -14.96 -6.86 -1.75
N PHE B 144 -15.46 -6.22 -2.81
CA PHE B 144 -16.66 -5.34 -2.80
C PHE B 144 -17.36 -5.43 -4.16
N GLY B 145 -18.69 -5.52 -4.14
CA GLY B 145 -19.57 -5.60 -5.32
C GLY B 145 -18.94 -6.34 -6.49
N GLN B 146 -18.08 -5.64 -7.25
CA GLN B 146 -17.72 -5.97 -8.65
C GLN B 146 -16.69 -7.12 -8.68
N ALA B 147 -16.99 -8.14 -9.48
CA ALA B 147 -16.02 -9.16 -9.95
C ALA B 147 -15.57 -8.78 -11.37
N PHE B 148 -14.44 -9.32 -11.83
CA PHE B 148 -13.80 -8.97 -13.12
C PHE B 148 -13.28 -10.25 -13.80
N LYS B 149 -13.75 -10.49 -15.03
CA LYS B 149 -13.28 -11.57 -15.93
C LYS B 149 -11.91 -11.16 -16.45
N LEU B 150 -10.93 -12.05 -16.38
CA LEU B 150 -9.55 -11.74 -16.83
C LEU B 150 -9.13 -12.82 -17.83
N THR B 151 -8.38 -12.40 -18.85
CA THR B 151 -7.67 -13.29 -19.78
C THR B 151 -6.31 -13.63 -19.17
N ALA B 152 -5.58 -14.53 -19.81
CA ALA B 152 -4.23 -14.95 -19.40
C ALA B 152 -3.30 -13.74 -19.46
N SER B 153 -3.39 -12.92 -20.50
CA SER B 153 -2.50 -11.74 -20.72
C SER B 153 -2.71 -10.69 -19.62
N ASP B 154 -3.94 -10.58 -19.09
CA ASP B 154 -4.32 -9.67 -17.97
C ASP B 154 -3.53 -10.01 -16.70
N MET B 155 -3.18 -11.29 -16.50
CA MET B 155 -2.64 -11.79 -15.21
C MET B 155 -1.10 -11.86 -15.28
N LEU B 156 -0.55 -11.79 -16.49
CA LEU B 156 0.89 -12.02 -16.70
C LEU B 156 1.57 -10.68 -16.93
N LYS B 157 2.77 -10.51 -16.36
CA LYS B 157 3.65 -9.31 -16.50
C LYS B 157 3.47 -8.71 -17.90
N PRO B 158 3.21 -7.39 -18.02
CA PRO B 158 3.22 -6.71 -19.32
C PRO B 158 4.63 -6.24 -19.71
N THR C 9 0.91 9.49 -21.18
CA THR C 9 1.14 10.83 -20.55
C THR C 9 1.59 11.84 -21.62
N THR C 10 1.58 13.13 -21.26
CA THR C 10 1.59 14.30 -22.17
C THR C 10 2.56 15.36 -21.64
N ASP C 11 2.81 16.43 -22.40
CA ASP C 11 3.73 17.54 -22.00
C ASP C 11 3.08 18.43 -20.95
N GLU C 12 1.77 18.68 -21.05
CA GLU C 12 1.04 19.52 -20.06
C GLU C 12 1.08 18.80 -18.70
N ALA C 13 0.98 17.46 -18.67
CA ALA C 13 1.12 16.61 -17.48
C ALA C 13 2.54 16.72 -16.88
N ARG C 14 3.59 16.73 -17.72
CA ARG C 14 5.01 16.84 -17.25
C ARG C 14 5.24 18.24 -16.67
N ALA C 15 4.70 19.23 -17.38
CA ALA C 15 4.75 20.67 -17.04
C ALA C 15 4.04 20.91 -15.69
N LEU C 16 2.90 20.25 -15.45
CA LEU C 16 2.14 20.35 -14.16
C LEU C 16 2.96 19.78 -12.99
N ALA C 17 3.57 18.60 -13.16
CA ALA C 17 4.44 17.95 -12.16
C ALA C 17 5.58 18.92 -11.78
N ARG C 18 6.30 19.49 -12.75
CA ARG C 18 7.46 20.39 -12.47
C ARG C 18 6.97 21.69 -11.84
N GLN C 19 5.84 22.20 -12.32
CA GLN C 19 5.14 23.39 -11.74
C GLN C 19 4.95 23.12 -10.23
N LEU C 20 4.30 22.01 -9.84
CA LEU C 20 4.06 21.66 -8.40
C LEU C 20 5.40 21.53 -7.67
N LEU C 21 6.35 20.84 -8.31
CA LEU C 21 7.73 20.67 -7.79
C LEU C 21 8.33 22.05 -7.52
N GLU C 22 8.39 22.92 -8.55
CA GLU C 22 8.93 24.30 -8.45
C GLU C 22 7.99 25.11 -7.55
N ALA C 23 8.52 25.94 -6.67
CA ALA C 23 7.69 26.65 -5.68
C ALA C 23 6.70 25.65 -5.06
N ALA C 24 7.24 24.58 -4.47
CA ALA C 24 6.69 23.84 -3.32
C ALA C 24 7.59 24.18 -2.14
N ARG C 25 7.03 24.37 -0.95
CA ARG C 25 7.81 24.85 0.22
C ARG C 25 7.78 23.79 1.32
N HIS C 26 6.73 22.98 1.37
CA HIS C 26 6.62 21.83 2.32
C HIS C 26 6.09 20.61 1.57
N ALA C 27 6.15 19.45 2.20
CA ALA C 27 5.54 18.22 1.66
C ALA C 27 5.19 17.27 2.79
N SER C 28 4.38 16.25 2.51
CA SER C 28 4.27 15.06 3.37
C SER C 28 5.38 14.09 2.94
N LEU C 29 6.31 13.80 3.86
CA LEU C 29 7.38 12.79 3.70
C LEU C 29 6.86 11.46 4.24
N GLY C 30 7.07 10.39 3.46
CA GLY C 30 6.86 9.00 3.89
C GLY C 30 8.20 8.30 4.05
N THR C 31 8.47 7.82 5.25
CA THR C 31 9.60 6.93 5.55
C THR C 31 9.07 5.65 6.25
N LEU C 32 9.95 4.67 6.40
CA LEU C 32 9.59 3.35 6.97
C LEU C 32 9.95 3.35 8.45
N ASP C 33 8.96 3.19 9.32
CA ASP C 33 9.23 2.89 10.74
C ASP C 33 10.16 1.69 10.81
N PRO C 34 11.38 1.82 11.39
CA PRO C 34 12.32 0.70 11.50
C PRO C 34 11.79 -0.51 12.31
N GLU C 35 11.05 -0.27 13.39
CA GLU C 35 10.54 -1.36 14.25
C GLU C 35 9.47 -2.16 13.51
N THR C 36 8.45 -1.52 12.96
CA THR C 36 7.18 -2.15 12.50
C THR C 36 7.12 -2.17 10.96
N GLY C 37 7.94 -1.39 10.26
CA GLY C 37 7.86 -1.25 8.78
C GLY C 37 6.64 -0.46 8.30
N VAL C 38 5.83 0.07 9.22
CA VAL C 38 4.63 0.89 8.88
C VAL C 38 5.12 2.22 8.29
N PRO C 39 4.52 2.76 7.20
CA PRO C 39 4.87 4.11 6.74
C PRO C 39 4.57 5.17 7.82
N LEU C 40 5.63 5.83 8.28
CA LEU C 40 5.58 7.07 9.07
C LEU C 40 5.43 8.25 8.09
N VAL C 41 4.38 9.07 8.27
CA VAL C 41 4.13 10.28 7.42
C VAL C 41 4.20 11.52 8.30
N THR C 42 5.13 12.41 7.98
CA THR C 42 5.36 13.69 8.68
C THR C 42 5.48 14.82 7.66
N ARG C 43 5.32 16.07 8.12
CA ARG C 43 5.49 17.29 7.30
C ARG C 43 6.95 17.72 7.32
N ILE C 44 7.48 18.13 6.17
CA ILE C 44 8.89 18.60 6.06
C ILE C 44 8.93 19.87 5.21
N ALA C 45 9.96 20.69 5.42
CA ALA C 45 10.36 21.72 4.45
C ALA C 45 10.95 20.99 3.24
N LEU C 46 10.50 21.32 2.04
CA LEU C 46 11.01 20.71 0.79
C LEU C 46 11.11 21.78 -0.29
N GLN C 47 12.27 21.83 -0.94
CA GLN C 47 12.63 22.70 -2.09
C GLN C 47 13.13 21.75 -3.21
N THR C 48 13.34 22.27 -4.41
CA THR C 48 14.10 21.58 -5.49
C THR C 48 15.57 21.97 -5.36
N ASP C 49 16.49 21.13 -5.84
CA ASP C 49 17.93 21.48 -5.96
C ASP C 49 18.14 22.12 -7.34
N ALA C 50 19.36 22.60 -7.61
CA ALA C 50 19.78 23.25 -8.87
C ALA C 50 19.09 22.60 -10.08
N ASP C 51 19.11 21.26 -10.12
CA ASP C 51 18.66 20.43 -11.26
C ASP C 51 17.21 19.91 -11.06
N GLY C 52 16.42 20.49 -10.15
CA GLY C 52 14.97 20.22 -10.03
C GLY C 52 14.65 18.96 -9.22
N VAL C 53 15.63 18.39 -8.51
CA VAL C 53 15.45 17.14 -7.72
C VAL C 53 15.01 17.55 -6.32
N PRO C 54 13.91 16.96 -5.79
CA PRO C 54 13.40 17.31 -4.46
C PRO C 54 14.50 17.28 -3.39
N LEU C 55 14.52 18.32 -2.56
CA LEU C 55 15.55 18.54 -1.52
C LEU C 55 14.86 18.85 -0.20
N ALA C 56 15.10 18.01 0.80
CA ALA C 56 14.47 18.07 2.13
C ALA C 56 15.51 18.57 3.14
N LEU C 57 15.14 19.56 3.96
CA LEU C 57 15.93 20.03 5.11
C LEU C 57 15.34 19.38 6.35
N LEU C 58 16.10 18.47 6.98
CA LEU C 58 15.60 17.50 8.00
C LEU C 58 16.46 17.57 9.27
N ALA C 59 15.81 17.60 10.44
CA ALA C 59 16.41 17.53 11.78
C ALA C 59 17.02 16.15 11.99
N GLY C 60 18.33 16.08 12.29
CA GLY C 60 19.09 14.83 12.44
C GLY C 60 18.49 13.88 13.47
N LEU C 61 17.85 14.39 14.52
CA LEU C 61 17.35 13.59 15.69
C LEU C 61 15.91 13.11 15.45
N ALA C 62 15.13 13.79 14.60
CA ALA C 62 13.70 13.51 14.35
C ALA C 62 13.51 12.06 13.87
N ALA C 63 12.36 11.46 14.21
CA ALA C 63 11.95 10.09 13.80
C ALA C 63 12.26 9.88 12.31
N HIS C 64 11.83 10.77 11.41
CA HIS C 64 11.94 10.55 9.95
C HIS C 64 13.43 10.45 9.56
N ALA C 65 14.29 11.35 10.04
CA ALA C 65 15.74 11.40 9.72
C ALA C 65 16.43 10.13 10.24
N ARG C 66 16.07 9.69 11.45
CA ARG C 66 16.48 8.36 11.99
C ARG C 66 16.10 7.29 10.95
N ALA C 67 14.81 7.21 10.61
CA ALA C 67 14.22 6.18 9.73
C ALA C 67 14.99 6.09 8.40
N LEU C 68 15.36 7.22 7.79
CA LEU C 68 16.10 7.26 6.49
C LEU C 68 17.52 6.72 6.67
N ALA C 69 18.14 6.93 7.83
CA ALA C 69 19.48 6.39 8.15
C ALA C 69 19.46 4.85 8.09
N VAL C 70 18.35 4.20 8.49
CA VAL C 70 18.19 2.72 8.55
C VAL C 70 17.83 2.16 7.15
N ASP C 71 17.01 2.90 6.39
CA ASP C 71 16.46 2.46 5.07
C ASP C 71 16.07 3.73 4.29
N PRO C 72 16.80 4.10 3.21
CA PRO C 72 16.61 5.41 2.59
C PRO C 72 15.41 5.54 1.65
N ARG C 73 14.56 4.53 1.57
CA ARG C 73 13.33 4.59 0.72
C ARG C 73 12.41 5.67 1.31
N ALA C 74 11.89 6.53 0.44
CA ALA C 74 11.15 7.76 0.80
C ALA C 74 10.03 7.97 -0.21
N GLY C 75 8.81 8.28 0.28
CA GLY C 75 7.70 8.84 -0.52
C GLY C 75 7.52 10.32 -0.22
N LEU C 76 7.05 11.10 -1.19
CA LEU C 76 6.70 12.53 -1.03
C LEU C 76 5.30 12.76 -1.60
N LEU C 77 4.52 13.64 -0.97
CA LEU C 77 3.25 14.15 -1.54
C LEU C 77 3.38 15.67 -1.59
N ILE C 78 3.18 16.23 -2.78
CA ILE C 78 3.27 17.70 -3.02
C ILE C 78 1.89 18.14 -3.53
N ALA C 79 1.23 19.01 -2.76
CA ALA C 79 -0.07 19.63 -3.11
C ALA C 79 0.06 21.16 -3.07
N ALA C 87 -10.18 19.74 -0.56
CA ALA C 87 -8.74 19.40 -0.66
C ALA C 87 -8.50 18.38 -1.77
N MET C 88 -9.56 17.75 -2.29
CA MET C 88 -9.48 16.58 -3.21
C MET C 88 -9.43 17.02 -4.68
N THR C 89 -9.76 18.29 -4.98
CA THR C 89 -9.76 18.84 -6.36
C THR C 89 -8.40 19.47 -6.68
N HIS C 90 -7.55 19.69 -5.66
CA HIS C 90 -6.16 20.16 -5.76
C HIS C 90 -5.32 19.18 -6.61
N ALA C 91 -4.59 19.67 -7.61
CA ALA C 91 -3.55 18.91 -8.34
C ALA C 91 -2.47 18.49 -7.33
N ARG C 92 -2.00 17.26 -7.43
CA ARG C 92 -0.96 16.76 -6.50
C ARG C 92 -0.13 15.68 -7.15
N LEU C 93 1.00 15.41 -6.51
CA LEU C 93 2.07 14.59 -7.08
C LEU C 93 2.63 13.74 -5.96
N SER C 94 2.56 12.42 -6.12
CA SER C 94 3.22 11.41 -5.27
C SER C 94 4.54 10.99 -5.95
N ILE C 95 5.63 10.92 -5.19
CA ILE C 95 6.96 10.51 -5.70
C ILE C 95 7.45 9.35 -4.85
N LEU C 96 7.75 8.23 -5.48
CA LEU C 96 8.57 7.14 -4.91
C LEU C 96 10.04 7.39 -5.29
N GLY C 97 10.94 7.40 -4.31
CA GLY C 97 12.37 7.68 -4.51
C GLY C 97 13.20 7.16 -3.36
N ARG C 98 14.50 7.38 -3.40
CA ARG C 98 15.43 6.99 -2.31
C ARG C 98 16.17 8.24 -1.86
N ALA C 99 16.30 8.39 -0.54
CA ALA C 99 17.01 9.51 0.12
C ALA C 99 18.52 9.24 0.13
N VAL C 100 19.30 10.32 0.12
CA VAL C 100 20.80 10.32 0.18
C VAL C 100 21.24 11.66 0.75
N PRO C 101 22.07 11.71 1.83
CA PRO C 101 22.51 12.98 2.39
C PRO C 101 23.17 13.87 1.31
N ALA C 102 23.17 15.19 1.55
CA ALA C 102 23.93 16.20 0.77
C ALA C 102 24.39 17.31 1.73
N LEU C 123 16.45 29.70 11.07
CA LEU C 123 17.40 29.17 10.05
C LEU C 123 18.80 29.01 10.67
N ASP C 124 19.69 28.25 10.01
CA ASP C 124 21.17 28.23 10.26
C ASP C 124 21.52 27.44 11.54
N LEU C 125 20.65 26.54 12.01
CA LEU C 125 20.88 25.66 13.20
C LEU C 125 21.80 24.51 12.78
N PRO C 126 22.64 23.93 13.68
CA PRO C 126 23.63 22.93 13.26
C PRO C 126 23.16 21.50 12.95
N ASP C 127 22.25 20.93 13.76
CA ASP C 127 21.91 19.47 13.77
C ASP C 127 21.08 19.09 12.53
N PHE C 128 20.39 20.06 11.92
CA PHE C 128 19.66 19.89 10.64
C PHE C 128 20.65 19.54 9.53
N ARG C 129 20.19 18.82 8.50
CA ARG C 129 21.02 18.40 7.33
C ARG C 129 20.16 18.42 6.07
N PHE C 130 20.80 18.24 4.92
CA PHE C 130 20.17 18.21 3.57
C PHE C 130 20.14 16.78 3.05
N TRP C 131 19.05 16.43 2.35
CA TRP C 131 18.86 15.16 1.63
C TRP C 131 18.26 15.47 0.26
N ARG C 132 18.81 14.86 -0.79
CA ARG C 132 18.09 14.71 -2.07
C ARG C 132 17.21 13.47 -1.90
N ILE C 133 15.91 13.59 -2.22
CA ILE C 133 14.98 12.45 -2.43
C ILE C 133 15.04 12.16 -3.93
N GLU C 134 15.78 11.12 -4.34
CA GLU C 134 16.01 10.80 -5.77
C GLU C 134 14.81 10.03 -6.32
N PRO C 135 14.09 10.60 -7.30
CA PRO C 135 12.91 9.95 -7.89
C PRO C 135 13.19 8.67 -8.70
N VAL C 136 12.46 7.61 -8.38
CA VAL C 136 12.28 6.42 -9.27
C VAL C 136 11.05 6.68 -10.16
N SER C 137 9.85 6.76 -9.57
CA SER C 137 8.57 6.98 -10.29
C SER C 137 7.68 8.03 -9.61
N GLY C 138 6.56 8.34 -10.25
CA GLY C 138 5.59 9.35 -9.80
C GLY C 138 4.17 8.96 -10.16
N LEU C 139 3.21 9.57 -9.46
CA LEU C 139 1.76 9.47 -9.70
C LEU C 139 1.21 10.90 -9.66
N LEU C 140 0.71 11.42 -10.77
CA LEU C 140 0.18 12.80 -10.85
C LEU C 140 -1.35 12.71 -10.88
N ASN C 141 -1.99 13.39 -9.93
CA ASN C 141 -3.46 13.53 -9.88
C ASN C 141 -3.78 14.99 -10.19
N ALA C 142 -4.40 15.26 -11.34
CA ALA C 142 -4.99 16.58 -11.71
C ALA C 142 -6.44 16.67 -11.20
N GLY C 143 -7.34 15.83 -11.73
CA GLY C 143 -8.80 15.91 -11.59
C GLY C 143 -9.29 15.55 -10.20
N ALA C 147 -5.66 9.73 -12.97
CA ALA C 147 -4.22 9.89 -12.64
C ALA C 147 -3.35 9.65 -13.87
N PHE C 148 -2.02 9.75 -13.67
CA PHE C 148 -0.95 9.67 -14.70
C PHE C 148 0.31 9.15 -14.02
N LYS C 149 0.85 8.02 -14.48
CA LYS C 149 2.14 7.46 -14.01
C LYS C 149 3.25 8.30 -14.65
N LEU C 150 4.33 8.57 -13.93
CA LEU C 150 5.44 9.41 -14.44
C LEU C 150 6.76 8.71 -14.13
N THR C 151 7.75 8.92 -15.01
CA THR C 151 9.16 8.48 -14.88
C THR C 151 9.97 9.59 -14.22
N ALA C 152 11.15 9.25 -13.72
CA ALA C 152 12.02 10.18 -12.96
C ALA C 152 12.25 11.48 -13.77
N SER C 153 12.45 11.38 -15.08
CA SER C 153 12.84 12.52 -15.97
C SER C 153 11.60 13.33 -16.40
N ASP C 154 10.40 12.75 -16.35
CA ASP C 154 9.11 13.48 -16.54
C ASP C 154 8.94 14.59 -15.51
N MET C 155 9.47 14.42 -14.30
CA MET C 155 9.34 15.36 -13.17
C MET C 155 10.52 16.35 -13.14
N LEU C 156 11.56 16.10 -13.93
CA LEU C 156 12.77 16.98 -14.05
C LEU C 156 12.86 17.53 -15.47
#